data_1FO0
#
_entry.id   1FO0
#
_cell.length_a   76.580
_cell.length_b   120.420
_cell.length_c   102.850
_cell.angle_alpha   90.00
_cell.angle_beta   90.00
_cell.angle_gamma   90.00
#
_symmetry.space_group_name_H-M   'P 21 21 2'
#
loop_
_entity.id
_entity.type
_entity.pdbx_description
1 polymer 'PROTEIN (ALLOGENEIC H-2KB MHC CLASS I MOLECULE)'
2 polymer 'PROTEIN (BETA-2 MICROGLOBULIN)'
3 polymer 'NATURALLY PROCESSED OCTAPEPTIDE PBM1'
4 polymer 'PROTEIN (BM3.3 T CELL RECEPTOR ALPHA-CHAIN)'
5 polymer 'PROTEIN (BM3.3 T CELL RECEPTOR BETA-CHAIN)'
6 water water
#
loop_
_entity_poly.entity_id
_entity_poly.type
_entity_poly.pdbx_seq_one_letter_code
_entity_poly.pdbx_strand_id
1 'polypeptide(L)'
;MGPHSLRYFVTAVSRPGLGEPRYMEVGYVDDTEFVRFDSDAENPRYEPRARWMEQEGPEYWERETQKAKGNEQSFRVDLR
TLLGYYNQSKGGSHTIQVISGCEVGSDGRLLRGYQQYAYDGCDYIALNEDLKTWTAADMAALITKHKWEQAGEAERLRAY
LEGTCVEWLRRYLKNGNATLLRTDSPKAHVTHHSRPEDKVTLRCWALGFYPADITLTWQLNGEELIQDMELVETRPAGDG
TFQKWASVVVPLGKEQYYTCHVYHQGLPEPLTLRWE
;
H
2 'polypeptide(L)'
;IQKTPQIQVYSRHPPENGKPNILNCYVTQFHPPHIEIQMLKNGKKIPKVEMSDMSFSKDWSFYILAHTEFTPTETDTYAC
RVKHDSMAEPKTVYWDRDM
;
L
3 'polypeptide(L)' INFDFNTI P
4 'polypeptide(L)'
;QKVTQTQTSISVMEKTTVTMDCVYETQDSSYFLFWYKQTASGEIVFLIRQDSYKKENATVGHYSLNFQKPKSSIGLIITA
TQIEDSAVYFCAMRGDYGGSGNKLIFGTGTLLSVKP
;
A
5 'polypeptide(L)'
;VTLLEQNPRWRLVPRGQAVNLRCILKNSQYPWMSWYQQDLQKQLQWLFTLRSPGDKEVKSLPGADYLATRVTDTELRLQV
ANMSQGRTLYCTCSADRVGNTLYFGEGSRLIV
;
B
#
# COMPACT_ATOMS: atom_id res chain seq x y z
N MET A 1 22.64 17.64 3.31
CA MET A 1 22.31 17.36 4.75
C MET A 1 20.78 17.11 4.82
N GLY A 2 20.12 17.85 3.94
CA GLY A 2 18.78 17.97 3.71
C GLY A 2 17.66 17.01 3.89
N PRO A 3 16.66 17.15 3.03
CA PRO A 3 15.43 16.43 2.93
C PRO A 3 15.53 14.97 2.52
N HIS A 4 14.67 14.17 3.16
CA HIS A 4 14.61 12.74 2.86
C HIS A 4 13.15 12.32 2.68
N SER A 5 13.00 11.11 2.16
CA SER A 5 11.62 10.62 1.99
C SER A 5 11.53 9.10 2.15
N LEU A 6 10.35 8.69 2.55
CA LEU A 6 9.91 7.32 2.77
C LEU A 6 8.61 7.18 1.95
N ARG A 7 8.66 6.39 0.90
CA ARG A 7 7.57 6.21 -0.02
C ARG A 7 7.36 4.73 -0.34
N TYR A 8 6.06 4.41 -0.45
CA TYR A 8 5.62 3.07 -0.78
C TYR A 8 4.91 3.12 -2.11
N PHE A 9 5.34 2.28 -3.03
CA PHE A 9 4.72 2.23 -4.35
C PHE A 9 3.88 0.96 -4.39
N VAL A 10 2.58 1.17 -4.52
CA VAL A 10 1.70 -0.02 -4.52
C VAL A 10 1.07 -0.32 -5.85
N THR A 11 0.91 -1.62 -6.12
CA THR A 11 0.33 -2.07 -7.35
C THR A 11 -0.57 -3.31 -7.26
N ALA A 12 -1.71 -3.27 -7.92
CA ALA A 12 -2.61 -4.39 -7.99
C ALA A 12 -3.02 -4.54 -9.46
N VAL A 13 -2.79 -5.72 -10.00
CA VAL A 13 -3.12 -5.94 -11.41
C VAL A 13 -3.96 -7.19 -11.52
N SER A 14 -5.19 -7.01 -11.99
CA SER A 14 -6.08 -8.14 -12.11
C SER A 14 -5.68 -9.01 -13.29
N ARG A 15 -6.09 -10.27 -13.24
CA ARG A 15 -5.78 -11.20 -14.33
C ARG A 15 -6.89 -12.21 -14.48
N PRO A 16 -8.10 -11.74 -14.73
CA PRO A 16 -9.25 -12.59 -14.89
C PRO A 16 -8.88 -13.81 -15.75
N GLY A 17 -9.46 -14.92 -15.33
CA GLY A 17 -9.16 -16.21 -15.99
C GLY A 17 -8.17 -16.87 -15.02
N LEU A 18 -6.92 -16.44 -15.16
CA LEU A 18 -5.92 -16.95 -14.18
C LEU A 18 -6.50 -16.52 -12.82
N GLY A 19 -5.94 -16.94 -11.72
CA GLY A 19 -6.49 -16.58 -10.42
C GLY A 19 -6.59 -15.11 -10.11
N GLU A 20 -6.31 -14.84 -8.84
CA GLU A 20 -6.31 -13.57 -8.16
C GLU A 20 -5.36 -12.53 -8.71
N PRO A 21 -5.65 -11.27 -8.40
CA PRO A 21 -4.86 -10.15 -8.83
C PRO A 21 -3.45 -10.26 -8.25
N ARG A 22 -2.45 -9.80 -8.98
CA ARG A 22 -1.10 -9.76 -8.47
C ARG A 22 -1.01 -8.45 -7.66
N TYR A 23 -0.50 -8.56 -6.45
CA TYR A 23 -0.35 -7.44 -5.56
C TYR A 23 1.11 -7.26 -5.16
N MET A 24 1.55 -6.00 -5.13
CA MET A 24 2.92 -5.74 -4.73
C MET A 24 3.00 -4.45 -3.90
N GLU A 25 3.94 -4.38 -2.98
CA GLU A 25 4.22 -3.20 -2.20
C GLU A 25 5.76 -3.02 -2.24
N VAL A 26 6.30 -1.83 -2.50
CA VAL A 26 7.77 -1.64 -2.52
C VAL A 26 8.04 -0.37 -1.70
N GLY A 27 8.93 -0.38 -0.72
CA GLY A 27 9.19 0.82 0.08
C GLY A 27 10.52 1.40 -0.39
N TYR A 28 10.66 2.74 -0.40
CA TYR A 28 11.91 3.33 -0.83
C TYR A 28 12.33 4.38 0.20
N VAL A 29 13.62 4.40 0.48
CA VAL A 29 14.12 5.42 1.44
C VAL A 29 15.04 6.25 0.52
N ASP A 30 14.71 7.52 0.39
CA ASP A 30 15.45 8.37 -0.55
C ASP A 30 15.64 7.67 -1.89
N ASP A 31 14.63 7.14 -2.54
CA ASP A 31 14.83 6.50 -3.82
C ASP A 31 15.51 5.17 -3.88
N THR A 32 15.83 4.58 -2.73
CA THR A 32 16.44 3.25 -2.68
C THR A 32 15.50 2.21 -2.07
N GLU A 33 15.18 1.21 -2.86
CA GLU A 33 14.29 0.13 -2.44
C GLU A 33 14.82 -0.58 -1.20
N PHE A 34 14.02 -0.77 -0.16
CA PHE A 34 14.55 -1.41 1.04
C PHE A 34 13.70 -2.53 1.62
N VAL A 35 12.44 -2.58 1.24
CA VAL A 35 11.47 -3.57 1.63
C VAL A 35 10.64 -3.91 0.40
N ARG A 36 10.08 -5.12 0.39
CA ARG A 36 9.27 -5.47 -0.76
C ARG A 36 8.31 -6.58 -0.42
N PHE A 37 7.07 -6.47 -0.93
CA PHE A 37 6.07 -7.48 -0.74
C PHE A 37 5.45 -7.84 -2.11
N ASP A 38 5.36 -9.14 -2.36
CA ASP A 38 4.80 -9.60 -3.61
C ASP A 38 3.96 -10.86 -3.36
N SER A 39 2.66 -10.72 -3.60
CA SER A 39 1.74 -11.79 -3.39
C SER A 39 1.93 -12.94 -4.35
N ASP A 40 2.55 -12.74 -5.51
CA ASP A 40 2.74 -13.82 -6.48
C ASP A 40 3.98 -14.61 -6.04
N ALA A 41 3.82 -15.29 -4.91
CA ALA A 41 4.89 -16.04 -4.31
C ALA A 41 4.34 -17.24 -3.53
N GLU A 42 5.30 -17.92 -2.96
CA GLU A 42 5.17 -19.16 -2.21
C GLU A 42 4.34 -18.97 -0.96
N ASN A 43 4.92 -18.25 -0.01
CA ASN A 43 4.25 -17.86 1.26
C ASN A 43 4.70 -16.37 1.27
N PRO A 44 3.91 -15.50 0.70
CA PRO A 44 4.23 -14.10 0.51
C PRO A 44 4.55 -13.42 1.81
N ARG A 45 5.69 -12.72 1.85
CA ARG A 45 6.11 -12.08 3.09
C ARG A 45 6.74 -10.71 2.87
N TYR A 46 6.61 -9.84 3.89
CA TYR A 46 7.30 -8.58 3.73
C TYR A 46 8.78 -9.00 3.69
N GLU A 47 9.61 -8.58 2.78
CA GLU A 47 11.00 -8.99 2.72
C GLU A 47 11.93 -7.81 2.61
N PRO A 48 13.04 -7.87 3.32
CA PRO A 48 14.07 -6.82 3.34
C PRO A 48 14.78 -6.85 2.01
N ARG A 49 15.12 -5.67 1.50
CA ARG A 49 15.80 -5.64 0.20
C ARG A 49 17.16 -4.97 0.36
N ALA A 50 17.43 -4.55 1.57
CA ALA A 50 18.71 -3.92 1.92
C ALA A 50 19.18 -4.65 3.18
N ARG A 51 20.45 -5.03 3.20
CA ARG A 51 21.04 -5.74 4.31
C ARG A 51 20.84 -5.06 5.65
N TRP A 52 20.85 -3.74 5.74
CA TRP A 52 20.64 -3.09 7.02
C TRP A 52 19.26 -3.28 7.61
N MET A 53 18.29 -3.72 6.80
CA MET A 53 16.92 -3.92 7.26
C MET A 53 16.84 -5.17 8.13
N GLU A 54 17.80 -6.09 7.99
CA GLU A 54 17.90 -7.30 8.77
C GLU A 54 17.95 -7.07 10.26
N GLN A 55 18.27 -5.90 10.75
CA GLN A 55 18.25 -5.57 12.16
C GLN A 55 16.83 -5.49 12.70
N GLU A 56 15.84 -5.41 11.82
CA GLU A 56 14.44 -5.37 12.26
C GLU A 56 14.12 -6.83 12.63
N GLY A 57 13.54 -6.97 13.81
CA GLY A 57 13.18 -8.29 14.34
C GLY A 57 11.95 -8.87 13.72
N PRO A 58 11.62 -10.09 14.13
CA PRO A 58 10.48 -10.87 13.63
C PRO A 58 9.16 -10.13 13.76
N GLU A 59 8.99 -9.38 14.84
CA GLU A 59 7.81 -8.58 15.07
C GLU A 59 7.52 -7.73 13.82
N TYR A 60 8.49 -6.93 13.40
CA TYR A 60 8.40 -6.06 12.25
C TYR A 60 7.96 -6.81 11.00
N TRP A 61 8.66 -7.90 10.71
CA TRP A 61 8.26 -8.66 9.53
C TRP A 61 6.87 -9.21 9.69
N GLU A 62 6.38 -9.61 10.89
CA GLU A 62 5.04 -10.16 10.95
C GLU A 62 4.02 -9.06 10.78
N ARG A 63 4.21 -7.99 11.54
CA ARG A 63 3.29 -6.86 11.46
C ARG A 63 3.26 -6.32 10.03
N GLU A 64 4.41 -6.09 9.40
CA GLU A 64 4.32 -5.57 8.03
C GLU A 64 3.75 -6.52 7.03
N THR A 65 3.86 -7.82 7.15
CA THR A 65 3.23 -8.79 6.27
C THR A 65 1.72 -8.79 6.51
N GLN A 66 1.32 -8.72 7.79
CA GLN A 66 -0.13 -8.72 8.07
C GLN A 66 -0.76 -7.49 7.43
N LYS A 67 -0.13 -6.35 7.58
CA LYS A 67 -0.54 -5.09 7.01
C LYS A 67 -0.70 -5.16 5.49
N ALA A 68 0.29 -5.72 4.83
CA ALA A 68 0.23 -5.89 3.38
C ALA A 68 -0.90 -6.86 3.03
N LYS A 69 -1.10 -7.85 3.89
CA LYS A 69 -2.17 -8.80 3.60
C LYS A 69 -3.48 -8.08 3.60
N GLY A 70 -3.76 -7.20 4.53
CA GLY A 70 -5.02 -6.43 4.51
C GLY A 70 -5.06 -5.44 3.38
N ASN A 71 -3.92 -4.77 3.12
CA ASN A 71 -3.90 -3.82 1.99
C ASN A 71 -4.31 -4.59 0.75
N GLU A 72 -3.76 -5.79 0.59
CA GLU A 72 -4.10 -6.62 -0.55
C GLU A 72 -5.60 -6.82 -0.72
N GLN A 73 -6.34 -6.98 0.38
CA GLN A 73 -7.78 -7.14 0.27
C GLN A 73 -8.46 -5.85 -0.15
N SER A 74 -7.95 -4.71 0.32
CA SER A 74 -8.50 -3.42 -0.06
C SER A 74 -8.36 -3.21 -1.57
N PHE A 75 -7.16 -3.54 -2.07
CA PHE A 75 -6.94 -3.42 -3.49
C PHE A 75 -7.76 -4.39 -4.30
N ARG A 76 -8.07 -5.60 -3.83
CA ARG A 76 -8.90 -6.50 -4.64
C ARG A 76 -10.31 -5.90 -4.80
N VAL A 77 -10.81 -5.33 -3.70
CA VAL A 77 -12.10 -4.67 -3.73
C VAL A 77 -12.01 -3.43 -4.59
N ASP A 78 -10.94 -2.62 -4.49
CA ASP A 78 -10.85 -1.45 -5.37
C ASP A 78 -11.02 -1.87 -6.85
N LEU A 79 -10.27 -2.88 -7.26
CA LEU A 79 -10.33 -3.39 -8.60
C LEU A 79 -11.73 -3.73 -9.05
N ARG A 80 -12.54 -4.40 -8.23
CA ARG A 80 -13.90 -4.75 -8.62
C ARG A 80 -14.82 -3.55 -8.58
N THR A 81 -14.56 -2.64 -7.68
CA THR A 81 -15.40 -1.43 -7.56
C THR A 81 -15.18 -0.57 -8.77
N LEU A 82 -13.94 -0.37 -9.21
CA LEU A 82 -13.73 0.48 -10.40
C LEU A 82 -14.39 -0.04 -11.65
N LEU A 83 -14.31 -1.33 -11.92
CA LEU A 83 -14.97 -1.92 -13.09
C LEU A 83 -16.42 -1.47 -13.15
N GLY A 84 -17.10 -1.42 -12.03
CA GLY A 84 -18.48 -1.00 -11.98
C GLY A 84 -18.58 0.51 -12.21
N TYR A 85 -17.68 1.30 -11.65
CA TYR A 85 -17.76 2.74 -11.86
C TYR A 85 -17.62 3.08 -13.35
N TYR A 86 -16.72 2.40 -14.02
CA TYR A 86 -16.49 2.67 -15.45
C TYR A 86 -17.26 1.72 -16.36
N ASN A 87 -18.08 0.85 -15.80
CA ASN A 87 -18.84 -0.10 -16.57
C ASN A 87 -17.95 -0.89 -17.51
N GLN A 88 -16.88 -1.50 -17.00
CA GLN A 88 -16.02 -2.33 -17.86
C GLN A 88 -16.37 -3.78 -17.57
N SER A 89 -15.96 -4.70 -18.43
CA SER A 89 -16.32 -6.11 -18.16
C SER A 89 -15.28 -6.77 -17.25
N LYS A 90 -15.66 -7.94 -16.77
CA LYS A 90 -14.84 -8.73 -15.89
C LYS A 90 -13.78 -9.58 -16.55
N GLY A 91 -13.69 -9.60 -17.88
CA GLY A 91 -12.63 -10.41 -18.50
C GLY A 91 -11.29 -9.71 -18.54
N GLY A 92 -11.25 -8.39 -18.69
CA GLY A 92 -10.04 -7.65 -18.81
C GLY A 92 -9.10 -7.58 -17.64
N SER A 93 -7.87 -7.16 -17.93
CA SER A 93 -6.87 -7.00 -16.87
C SER A 93 -6.76 -5.50 -16.64
N HIS A 94 -6.74 -5.07 -15.39
CA HIS A 94 -6.67 -3.65 -15.06
C HIS A 94 -5.65 -3.44 -13.94
N THR A 95 -5.17 -2.20 -13.84
CA THR A 95 -4.20 -1.99 -12.79
C THR A 95 -4.62 -0.78 -11.94
N ILE A 96 -4.12 -0.76 -10.75
CA ILE A 96 -4.28 0.27 -9.78
C ILE A 96 -2.86 0.44 -9.15
N GLN A 97 -2.48 1.69 -9.03
CA GLN A 97 -1.17 1.94 -8.48
C GLN A 97 -1.26 3.07 -7.49
N VAL A 98 -0.43 3.01 -6.47
CA VAL A 98 -0.49 4.10 -5.49
C VAL A 98 0.96 4.47 -5.12
N ILE A 99 1.14 5.74 -4.78
CA ILE A 99 2.37 6.30 -4.29
C ILE A 99 1.95 7.03 -2.99
N SER A 100 2.49 6.59 -1.88
CA SER A 100 2.15 7.10 -0.57
C SER A 100 3.40 7.31 0.26
N GLY A 101 3.44 8.37 1.05
CA GLY A 101 4.64 8.59 1.85
C GLY A 101 4.84 10.05 2.19
N CYS A 102 6.11 10.38 2.51
CA CYS A 102 6.38 11.74 2.92
C CYS A 102 7.79 12.21 2.61
N GLU A 103 7.93 13.54 2.62
CA GLU A 103 9.20 14.20 2.43
C GLU A 103 9.41 15.01 3.72
N VAL A 104 10.62 14.83 4.21
CA VAL A 104 10.94 15.49 5.49
C VAL A 104 12.17 16.36 5.35
N GLY A 105 12.19 17.50 6.02
CA GLY A 105 13.35 18.39 5.95
C GLY A 105 14.36 18.07 7.05
N SER A 106 15.50 18.73 6.99
CA SER A 106 16.63 18.60 7.89
C SER A 106 16.28 18.65 9.36
N ASP A 107 15.29 19.46 9.72
CA ASP A 107 14.86 19.56 11.10
C ASP A 107 13.99 18.40 11.55
N GLY A 108 13.67 17.48 10.63
CA GLY A 108 12.85 16.33 10.98
C GLY A 108 11.36 16.70 10.95
N ARG A 109 11.07 17.86 10.37
CA ARG A 109 9.65 18.24 10.29
C ARG A 109 9.11 17.83 8.93
N LEU A 110 7.84 17.42 8.91
CA LEU A 110 7.21 17.00 7.69
C LEU A 110 7.11 18.14 6.69
N LEU A 111 7.52 17.83 5.47
CA LEU A 111 7.51 18.81 4.41
C LEU A 111 6.31 18.62 3.47
N ARG A 112 6.27 17.41 2.92
CA ARG A 112 5.26 17.00 1.98
C ARG A 112 4.82 15.55 2.25
N GLY A 113 3.54 15.33 2.11
CA GLY A 113 2.86 14.05 2.25
C GLY A 113 2.21 13.69 0.90
N TYR A 114 2.48 12.54 0.35
CA TYR A 114 1.97 12.02 -0.89
C TYR A 114 0.95 10.88 -0.68
N GLN A 115 -0.06 10.87 -1.54
CA GLN A 115 -1.07 9.86 -1.65
C GLN A 115 -1.78 10.10 -2.99
N GLN A 116 -1.30 9.38 -3.99
CA GLN A 116 -1.87 9.50 -5.34
C GLN A 116 -2.17 8.12 -5.93
N TYR A 117 -3.33 8.05 -6.55
CA TYR A 117 -3.81 6.80 -7.14
C TYR A 117 -3.89 6.95 -8.66
N ALA A 118 -3.60 5.87 -9.34
CA ALA A 118 -3.73 5.84 -10.81
C ALA A 118 -4.49 4.57 -11.16
N TYR A 119 -5.43 4.64 -12.09
CA TYR A 119 -6.16 3.40 -12.49
C TYR A 119 -5.78 3.18 -13.94
N ASP A 120 -5.33 1.99 -14.28
CA ASP A 120 -4.89 1.75 -15.65
C ASP A 120 -3.91 2.79 -16.13
N GLY A 121 -2.94 3.23 -15.32
CA GLY A 121 -1.97 4.18 -15.79
C GLY A 121 -2.42 5.60 -15.91
N CYS A 122 -3.59 6.03 -15.46
CA CYS A 122 -3.95 7.44 -15.57
C CYS A 122 -4.41 7.86 -14.17
N ASP A 123 -4.03 9.05 -13.78
CA ASP A 123 -4.35 9.65 -12.52
C ASP A 123 -5.82 9.41 -12.17
N TYR A 124 -6.11 9.15 -10.90
CA TYR A 124 -7.48 8.92 -10.44
C TYR A 124 -7.78 9.87 -9.30
N ILE A 125 -7.01 9.89 -8.24
CA ILE A 125 -7.31 10.79 -7.13
C ILE A 125 -6.02 11.08 -6.38
N ALA A 126 -5.93 12.22 -5.67
CA ALA A 126 -4.67 12.50 -4.96
C ALA A 126 -4.97 13.43 -3.80
N LEU A 127 -4.26 13.26 -2.70
CA LEU A 127 -4.48 14.13 -1.53
C LEU A 127 -3.81 15.47 -1.85
N ASN A 128 -4.38 16.59 -1.46
CA ASN A 128 -3.71 17.85 -1.79
C ASN A 128 -2.66 18.19 -0.73
N GLU A 129 -1.89 19.24 -1.01
CA GLU A 129 -0.82 19.68 -0.12
C GLU A 129 -1.30 20.10 1.24
N ASP A 130 -2.56 20.50 1.34
CA ASP A 130 -3.14 20.87 2.63
C ASP A 130 -3.25 19.64 3.52
N LEU A 131 -3.23 18.45 2.89
CA LEU A 131 -3.36 17.19 3.55
C LEU A 131 -4.77 17.00 4.09
N LYS A 132 -5.74 17.70 3.52
CA LYS A 132 -7.10 17.53 4.04
C LYS A 132 -8.08 17.33 2.91
N THR A 133 -7.71 17.72 1.71
CA THR A 133 -8.68 17.61 0.62
C THR A 133 -8.08 16.77 -0.48
N TRP A 134 -9.00 16.26 -1.30
CA TRP A 134 -8.54 15.39 -2.39
C TRP A 134 -8.87 16.05 -3.71
N THR A 135 -8.22 15.70 -4.78
CA THR A 135 -8.54 16.22 -6.10
C THR A 135 -8.89 15.06 -7.02
N ALA A 136 -10.11 14.98 -7.55
CA ALA A 136 -10.50 13.87 -8.43
C ALA A 136 -10.19 14.15 -9.88
N ALA A 137 -9.82 13.16 -10.66
CA ALA A 137 -9.49 13.40 -12.06
C ALA A 137 -10.63 13.11 -13.03
N ASP A 138 -11.68 12.46 -12.61
CA ASP A 138 -12.82 12.12 -13.40
C ASP A 138 -14.05 12.03 -12.49
N MET A 139 -15.19 11.72 -13.09
CA MET A 139 -16.45 11.62 -12.38
C MET A 139 -16.36 10.46 -11.39
N ALA A 140 -15.74 9.38 -11.84
CA ALA A 140 -15.57 8.20 -11.00
C ALA A 140 -14.84 8.54 -9.71
N ALA A 141 -13.83 9.42 -9.78
CA ALA A 141 -13.09 9.76 -8.58
C ALA A 141 -13.89 10.65 -7.67
N LEU A 142 -14.93 11.32 -8.15
CA LEU A 142 -15.71 12.13 -7.20
C LEU A 142 -16.47 11.22 -6.26
N ILE A 143 -16.84 10.03 -6.73
CA ILE A 143 -17.55 9.12 -5.79
C ILE A 143 -16.64 8.81 -4.61
N THR A 144 -15.39 8.42 -4.94
CA THR A 144 -14.36 8.10 -3.97
C THR A 144 -14.10 9.26 -3.02
N LYS A 145 -13.94 10.43 -3.65
CA LYS A 145 -13.66 11.63 -2.84
C LYS A 145 -14.77 11.86 -1.85
N HIS A 146 -16.01 11.68 -2.35
CA HIS A 146 -17.17 11.90 -1.52
C HIS A 146 -17.12 10.94 -0.32
N LYS A 147 -16.98 9.67 -0.60
CA LYS A 147 -16.84 8.65 0.45
C LYS A 147 -15.72 8.97 1.41
N TRP A 148 -14.54 9.31 0.87
CA TRP A 148 -13.44 9.63 1.78
C TRP A 148 -13.79 10.85 2.59
N GLU A 149 -14.37 11.90 2.01
CA GLU A 149 -14.71 13.07 2.83
C GLU A 149 -15.64 12.75 3.98
N GLN A 150 -16.63 11.91 3.74
CA GLN A 150 -17.62 11.48 4.72
C GLN A 150 -16.97 10.75 5.87
N ALA A 151 -16.09 9.79 5.62
CA ALA A 151 -15.43 9.01 6.64
C ALA A 151 -14.23 9.62 7.30
N GLY A 152 -13.77 10.80 6.91
CA GLY A 152 -12.59 11.40 7.55
C GLY A 152 -11.30 10.63 7.31
N GLU A 153 -11.15 10.14 6.11
CA GLU A 153 -9.97 9.38 5.73
C GLU A 153 -8.75 10.26 5.65
N ALA A 154 -8.87 11.47 5.08
CA ALA A 154 -7.68 12.32 5.02
C ALA A 154 -7.13 12.49 6.43
N GLU A 155 -8.00 12.68 7.42
CA GLU A 155 -7.55 12.81 8.78
C GLU A 155 -6.82 11.57 9.28
N ARG A 156 -7.36 10.38 9.02
CA ARG A 156 -6.69 9.13 9.38
C ARG A 156 -5.30 9.16 8.71
N LEU A 157 -5.30 9.49 7.44
CA LEU A 157 -4.09 9.54 6.63
C LEU A 157 -3.09 10.56 7.12
N ARG A 158 -3.57 11.79 7.37
CA ARG A 158 -2.66 12.83 7.88
C ARG A 158 -1.98 12.33 9.14
N ALA A 159 -2.69 11.72 10.08
CA ALA A 159 -2.14 11.16 11.31
C ALA A 159 -0.98 10.18 11.06
N TYR A 160 -1.07 9.40 9.98
CA TYR A 160 0.00 8.49 9.64
C TYR A 160 1.12 9.30 8.98
N LEU A 161 0.75 10.26 8.13
CA LEU A 161 1.78 11.05 7.47
C LEU A 161 2.71 11.78 8.41
N GLU A 162 2.16 12.51 9.34
CA GLU A 162 2.93 13.28 10.29
C GLU A 162 3.47 12.50 11.46
N GLY A 163 3.01 11.28 11.70
CA GLY A 163 3.54 10.55 12.86
C GLY A 163 4.36 9.36 12.42
N THR A 164 3.70 8.24 12.21
CA THR A 164 4.30 7.00 11.81
C THR A 164 5.28 7.16 10.68
N CYS A 165 4.87 7.85 9.60
CA CYS A 165 5.80 8.00 8.49
C CYS A 165 7.11 8.67 8.90
N VAL A 166 6.99 9.89 9.43
CA VAL A 166 8.12 10.67 9.86
C VAL A 166 8.98 9.85 10.80
N GLU A 167 8.45 9.38 11.93
CA GLU A 167 9.19 8.60 12.89
C GLU A 167 9.91 7.42 12.27
N TRP A 168 9.20 6.63 11.48
CA TRP A 168 9.86 5.49 10.83
C TRP A 168 10.96 5.92 9.91
N LEU A 169 10.78 7.00 9.18
CA LEU A 169 11.77 7.54 8.26
C LEU A 169 13.07 7.79 9.02
N ARG A 170 12.89 8.53 10.12
CA ARG A 170 14.09 8.82 10.93
C ARG A 170 14.79 7.52 11.30
N ARG A 171 14.08 6.58 11.87
CA ARG A 171 14.65 5.30 12.26
C ARG A 171 15.28 4.61 11.07
N TYR A 172 14.61 4.56 9.92
CA TYR A 172 15.22 3.89 8.77
C TYR A 172 16.54 4.56 8.41
N LEU A 173 16.56 5.90 8.47
CA LEU A 173 17.75 6.67 8.18
C LEU A 173 18.87 6.37 9.17
N LYS A 174 18.55 6.23 10.44
CA LYS A 174 19.54 5.89 11.44
C LYS A 174 20.14 4.53 11.18
N ASN A 175 19.37 3.52 10.81
CA ASN A 175 19.90 2.19 10.62
C ASN A 175 20.45 1.85 9.27
N GLY A 176 20.26 2.65 8.24
CA GLY A 176 20.80 2.26 6.92
C GLY A 176 21.87 3.28 6.48
N ASN A 177 21.97 4.28 7.31
CA ASN A 177 22.85 5.40 7.18
C ASN A 177 23.98 5.30 6.19
N ALA A 178 24.98 4.51 6.55
CA ALA A 178 26.18 4.25 5.81
C ALA A 178 25.98 3.85 4.36
N THR A 179 24.98 3.05 4.10
CA THR A 179 24.70 2.56 2.75
C THR A 179 23.81 3.53 1.99
N LEU A 180 22.87 4.08 2.76
CA LEU A 180 21.89 4.99 2.19
C LEU A 180 22.60 6.25 1.75
N LEU A 181 23.34 6.75 2.74
CA LEU A 181 24.04 8.00 2.55
C LEU A 181 25.41 7.88 1.96
N ARG A 182 25.72 6.69 1.43
CA ARG A 182 26.98 6.52 0.75
C ARG A 182 26.94 7.27 -0.61
N THR A 183 28.14 7.51 -1.07
CA THR A 183 28.40 8.21 -2.32
C THR A 183 29.56 7.53 -3.03
N ASP A 184 29.35 7.17 -4.27
CA ASP A 184 30.39 6.53 -5.09
C ASP A 184 30.61 7.48 -6.26
N SER A 185 31.75 8.14 -6.32
CA SER A 185 31.99 9.08 -7.42
C SER A 185 32.07 8.30 -8.72
N PRO A 186 31.59 8.92 -9.78
CA PRO A 186 31.59 8.35 -11.12
C PRO A 186 33.02 8.37 -11.67
N LYS A 187 33.31 7.32 -12.43
CA LYS A 187 34.63 7.24 -13.10
C LYS A 187 34.38 7.75 -14.51
N ALA A 188 35.03 8.84 -14.92
CA ALA A 188 34.77 9.37 -16.25
C ALA A 188 35.93 9.17 -17.22
N HIS A 189 35.56 9.17 -18.49
CA HIS A 189 36.47 9.03 -19.60
C HIS A 189 35.74 9.40 -20.89
N VAL A 190 36.52 9.70 -21.91
CA VAL A 190 36.00 10.10 -23.22
C VAL A 190 36.54 9.16 -24.29
N THR A 191 35.66 8.82 -25.23
CA THR A 191 36.07 7.91 -26.32
C THR A 191 35.86 8.62 -27.65
N HIS A 192 36.55 8.15 -28.66
CA HIS A 192 36.54 8.70 -30.01
C HIS A 192 35.93 7.79 -31.05
N HIS A 193 34.92 8.27 -31.77
CA HIS A 193 34.28 7.46 -32.82
C HIS A 193 34.27 8.27 -34.11
N SER A 194 34.49 7.63 -35.27
CA SER A 194 34.49 8.42 -36.49
C SER A 194 33.58 8.01 -37.61
N ARG A 195 33.79 6.83 -38.17
CA ARG A 195 32.99 6.45 -39.37
C ARG A 195 33.54 7.43 -40.41
N PRO A 196 34.50 6.97 -41.17
CA PRO A 196 35.26 7.69 -42.16
C PRO A 196 34.66 8.91 -42.79
N GLU A 197 34.45 9.97 -42.00
CA GLU A 197 33.93 11.24 -42.51
C GLU A 197 34.89 12.36 -42.08
N ASP A 198 34.39 13.58 -42.11
CA ASP A 198 35.16 14.76 -41.70
C ASP A 198 34.68 15.19 -40.31
N LYS A 199 33.99 14.24 -39.67
CA LYS A 199 33.42 14.43 -38.35
C LYS A 199 33.78 13.29 -37.40
N VAL A 200 33.87 13.61 -36.13
CA VAL A 200 34.15 12.64 -35.10
C VAL A 200 33.08 12.72 -34.00
N THR A 201 33.06 11.65 -33.20
CA THR A 201 32.12 11.56 -32.11
C THR A 201 32.82 11.48 -30.76
N LEU A 202 32.53 12.49 -29.97
CA LEU A 202 33.09 12.51 -28.61
C LEU A 202 31.99 12.09 -27.65
N ARG A 203 32.24 10.98 -26.96
CA ARG A 203 31.35 10.40 -25.99
C ARG A 203 31.96 10.40 -24.58
N CYS A 204 31.25 11.07 -23.69
CA CYS A 204 31.65 11.18 -22.30
C CYS A 204 30.92 10.13 -21.46
N TRP A 205 31.74 9.32 -20.81
CA TRP A 205 31.26 8.24 -20.00
C TRP A 205 31.32 8.52 -18.51
N ALA A 206 30.23 8.25 -17.81
CA ALA A 206 30.24 8.38 -16.34
C ALA A 206 29.82 7.01 -15.83
N LEU A 207 30.74 6.31 -15.18
CA LEU A 207 30.38 4.97 -14.72
C LEU A 207 30.61 4.78 -13.22
N GLY A 208 29.90 3.76 -12.72
CA GLY A 208 29.96 3.33 -11.36
C GLY A 208 29.73 4.38 -10.31
N PHE A 209 28.64 5.13 -10.44
CA PHE A 209 28.38 6.15 -9.45
C PHE A 209 27.09 5.87 -8.69
N TYR A 210 27.03 6.47 -7.52
CA TYR A 210 25.89 6.33 -6.62
C TYR A 210 25.88 7.52 -5.67
N PRO A 211 24.73 8.14 -5.54
CA PRO A 211 23.48 7.80 -6.18
C PRO A 211 23.36 8.10 -7.68
N ALA A 212 22.24 7.74 -8.28
CA ALA A 212 21.93 7.91 -9.67
C ALA A 212 21.98 9.30 -10.24
N ASP A 213 21.54 10.30 -9.51
CA ASP A 213 21.51 11.69 -9.95
C ASP A 213 22.87 12.18 -10.44
N ILE A 214 22.95 12.64 -11.69
CA ILE A 214 24.25 13.15 -12.20
C ILE A 214 23.98 14.11 -13.34
N THR A 215 24.93 14.94 -13.70
CA THR A 215 24.81 15.86 -14.81
C THR A 215 26.14 15.85 -15.57
N LEU A 216 26.00 15.72 -16.88
CA LEU A 216 27.13 15.69 -17.79
C LEU A 216 26.80 16.79 -18.82
N THR A 217 27.78 17.60 -19.17
CA THR A 217 27.59 18.67 -20.14
C THR A 217 28.83 18.72 -21.04
N TRP A 218 28.62 19.09 -22.29
CA TRP A 218 29.73 19.22 -23.23
C TRP A 218 29.88 20.73 -23.47
N GLN A 219 31.11 21.20 -23.44
CA GLN A 219 31.34 22.62 -23.64
C GLN A 219 32.26 22.92 -24.80
N LEU A 220 32.03 24.07 -25.41
CA LEU A 220 32.89 24.52 -26.51
C LEU A 220 33.51 25.86 -26.06
N ASN A 221 34.38 25.72 -25.06
CA ASN A 221 35.03 26.87 -24.45
C ASN A 221 33.95 27.78 -23.86
N GLY A 222 33.31 27.29 -22.81
CA GLY A 222 32.28 28.00 -22.11
C GLY A 222 30.86 27.68 -22.51
N GLU A 223 30.62 27.12 -23.70
CA GLU A 223 29.26 26.84 -24.10
C GLU A 223 28.73 25.45 -23.82
N GLU A 224 27.64 25.40 -23.05
CA GLU A 224 27.00 24.12 -22.76
C GLU A 224 26.18 23.74 -24.01
N LEU A 225 26.70 22.82 -24.79
CA LEU A 225 26.06 22.38 -26.02
C LEU A 225 24.91 21.42 -25.79
N ILE A 226 23.81 21.89 -25.19
CA ILE A 226 22.65 21.06 -24.91
C ILE A 226 21.83 20.71 -26.15
N GLN A 227 21.82 21.58 -27.15
CA GLN A 227 21.07 21.34 -28.37
C GLN A 227 21.73 20.33 -29.29
N ASP A 228 23.05 20.41 -29.39
CA ASP A 228 23.84 19.54 -30.25
C ASP A 228 24.38 18.31 -29.55
N MET A 229 23.97 18.10 -28.31
CA MET A 229 24.42 16.98 -27.51
C MET A 229 23.42 15.83 -27.50
N GLU A 230 23.96 14.63 -27.58
CA GLU A 230 23.22 13.36 -27.56
C GLU A 230 23.59 12.64 -26.25
N LEU A 231 22.62 12.18 -25.48
CA LEU A 231 22.99 11.50 -24.22
C LEU A 231 21.95 10.46 -23.82
N VAL A 232 22.31 9.44 -23.03
CA VAL A 232 21.33 8.43 -22.65
C VAL A 232 20.81 8.59 -21.24
N GLU A 233 19.64 8.02 -20.98
CA GLU A 233 19.08 8.08 -19.64
C GLU A 233 19.97 7.28 -18.70
N THR A 234 20.04 7.74 -17.46
CA THR A 234 20.90 7.05 -16.47
C THR A 234 20.39 5.62 -16.39
N ARG A 235 21.30 4.68 -16.30
CA ARG A 235 20.84 3.30 -16.24
C ARG A 235 21.63 2.55 -15.18
N PRO A 236 20.96 1.59 -14.60
CA PRO A 236 21.48 0.75 -13.55
C PRO A 236 22.54 -0.18 -14.10
N ALA A 237 23.71 -0.21 -13.48
CA ALA A 237 24.75 -1.14 -13.95
C ALA A 237 24.44 -2.56 -13.49
N GLY A 238 23.51 -2.72 -12.55
CA GLY A 238 23.11 -3.98 -12.02
C GLY A 238 23.79 -4.27 -10.69
N ASP A 239 24.79 -3.51 -10.26
CA ASP A 239 25.45 -3.80 -9.00
C ASP A 239 25.34 -2.72 -7.94
N GLY A 240 24.32 -1.88 -8.07
CA GLY A 240 24.11 -0.79 -7.14
C GLY A 240 24.62 0.52 -7.69
N THR A 241 25.47 0.51 -8.69
CA THR A 241 25.99 1.77 -9.23
C THR A 241 25.22 2.11 -10.48
N PHE A 242 25.50 3.28 -11.06
CA PHE A 242 24.80 3.69 -12.26
C PHE A 242 25.77 4.10 -13.36
N GLN A 243 25.20 4.26 -14.57
CA GLN A 243 25.98 4.68 -15.70
C GLN A 243 25.18 5.74 -16.52
N LYS A 244 25.98 6.51 -17.27
CA LYS A 244 25.42 7.50 -18.18
C LYS A 244 26.49 7.96 -19.17
N TRP A 245 26.01 8.44 -20.33
CA TRP A 245 26.96 8.95 -21.32
C TRP A 245 26.37 10.12 -22.09
N ALA A 246 27.27 11.00 -22.51
CA ALA A 246 26.89 12.19 -23.28
C ALA A 246 27.90 12.35 -24.42
N SER A 247 27.34 12.51 -25.61
CA SER A 247 28.14 12.65 -26.80
C SER A 247 27.77 13.87 -27.64
N VAL A 248 28.83 14.31 -28.31
CA VAL A 248 28.69 15.49 -29.17
C VAL A 248 29.39 15.18 -30.49
N VAL A 249 28.93 15.83 -31.55
CA VAL A 249 29.56 15.62 -32.88
C VAL A 249 30.49 16.79 -33.16
N VAL A 250 31.79 16.49 -33.19
CA VAL A 250 32.77 17.53 -33.39
C VAL A 250 33.62 17.36 -34.65
N PRO A 251 33.98 18.49 -35.23
CA PRO A 251 34.80 18.61 -36.41
C PRO A 251 36.18 17.98 -36.23
N LEU A 252 36.44 16.98 -37.06
CA LEU A 252 37.73 16.28 -36.99
C LEU A 252 38.84 17.29 -36.80
N GLY A 253 39.76 17.03 -35.89
CA GLY A 253 40.86 17.95 -35.63
C GLY A 253 40.52 18.97 -34.55
N LYS A 254 39.24 19.29 -34.38
CA LYS A 254 38.84 20.26 -33.37
C LYS A 254 38.46 19.59 -32.06
N GLU A 255 38.95 18.38 -31.82
CA GLU A 255 38.63 17.66 -30.60
C GLU A 255 38.93 18.50 -29.35
N GLN A 256 40.20 18.84 -29.16
CA GLN A 256 40.71 19.54 -28.02
C GLN A 256 40.11 20.88 -27.69
N TYR A 257 38.94 21.21 -28.21
CA TYR A 257 38.31 22.49 -27.92
C TYR A 257 36.98 22.23 -27.17
N TYR A 258 36.69 20.95 -27.02
CA TYR A 258 35.47 20.48 -26.40
C TYR A 258 35.73 19.88 -25.02
N THR A 259 34.95 20.28 -24.03
CA THR A 259 35.11 19.79 -22.66
C THR A 259 33.84 19.24 -22.03
N CYS A 260 34.01 18.09 -21.38
CA CYS A 260 32.91 17.43 -20.70
C CYS A 260 32.99 17.71 -19.19
N HIS A 261 31.84 18.08 -18.64
CA HIS A 261 31.66 18.38 -17.25
C HIS A 261 30.77 17.37 -16.54
N VAL A 262 31.38 16.74 -15.54
CA VAL A 262 30.72 15.72 -14.74
C VAL A 262 30.34 16.24 -13.37
N TYR A 263 29.04 16.44 -13.17
CA TYR A 263 28.55 16.87 -11.88
C TYR A 263 27.91 15.72 -11.11
N HIS A 264 28.58 15.31 -10.05
CA HIS A 264 28.02 14.27 -9.19
C HIS A 264 28.27 14.62 -7.72
N GLN A 265 27.38 14.23 -6.81
CA GLN A 265 27.52 14.52 -5.40
C GLN A 265 28.71 13.87 -4.72
N GLY A 266 29.37 12.86 -5.28
CA GLY A 266 30.54 12.28 -4.64
C GLY A 266 31.79 13.06 -4.97
N LEU A 267 31.74 13.94 -5.94
CA LEU A 267 32.89 14.70 -6.36
C LEU A 267 33.09 15.96 -5.56
N PRO A 268 34.30 16.05 -5.05
CA PRO A 268 34.78 17.20 -4.30
C PRO A 268 34.64 18.45 -5.15
N GLU A 269 34.92 18.32 -6.44
CA GLU A 269 34.75 19.43 -7.39
C GLU A 269 34.36 18.79 -8.72
N PRO A 270 33.46 19.42 -9.43
CA PRO A 270 33.03 18.91 -10.72
C PRO A 270 34.19 18.45 -11.57
N LEU A 271 33.99 17.41 -12.38
CA LEU A 271 35.01 16.90 -13.27
C LEU A 271 34.96 17.59 -14.63
N THR A 272 36.14 17.66 -15.25
CA THR A 272 36.32 18.29 -16.56
C THR A 272 37.27 17.45 -17.39
N LEU A 273 36.78 16.95 -18.53
CA LEU A 273 37.62 16.13 -19.37
C LEU A 273 37.47 16.48 -20.85
N ARG A 274 38.47 16.03 -21.58
CA ARG A 274 38.65 16.15 -23.01
C ARG A 274 39.19 14.84 -23.60
N TRP A 275 39.09 14.69 -24.92
CA TRP A 275 39.64 13.46 -25.55
C TRP A 275 41.08 13.31 -25.07
N GLU A 276 41.67 12.12 -25.11
CA GLU A 276 43.06 12.02 -24.63
C GLU A 276 43.90 11.08 -25.46
N ILE B 1 -2.33 4.42 -19.69
CA ILE B 1 -2.43 4.20 -21.17
C ILE B 1 -1.67 2.90 -21.53
N GLN B 2 -1.30 2.81 -22.77
CA GLN B 2 -0.51 1.91 -23.51
C GLN B 2 0.78 2.73 -23.86
N LYS B 3 1.63 2.85 -22.85
CA LYS B 3 2.90 3.57 -23.03
C LYS B 3 3.89 2.64 -23.73
N THR B 4 4.70 3.16 -24.64
CA THR B 4 5.68 2.39 -25.40
C THR B 4 7.05 2.27 -24.74
N PRO B 5 7.48 1.02 -24.59
CA PRO B 5 8.71 0.63 -23.96
C PRO B 5 9.97 1.22 -24.55
N GLN B 6 10.90 1.59 -23.69
CA GLN B 6 12.18 2.10 -24.11
C GLN B 6 13.23 1.08 -23.66
N ILE B 7 14.00 0.58 -24.60
CA ILE B 7 15.02 -0.38 -24.32
C ILE B 7 16.44 0.20 -24.45
N GLN B 8 17.32 -0.18 -23.55
CA GLN B 8 18.73 0.14 -23.56
C GLN B 8 19.43 -1.22 -23.33
N VAL B 9 20.39 -1.56 -24.14
CA VAL B 9 21.13 -2.82 -23.99
C VAL B 9 22.61 -2.45 -23.84
N TYR B 10 23.27 -2.87 -22.78
CA TYR B 10 24.66 -2.45 -22.56
C TYR B 10 25.26 -3.42 -21.55
N SER B 11 26.55 -3.38 -21.31
CA SER B 11 27.16 -4.32 -20.37
C SER B 11 27.49 -3.65 -19.06
N ARG B 12 27.72 -4.46 -18.03
CA ARG B 12 28.04 -3.86 -16.72
C ARG B 12 29.35 -3.09 -16.77
N HIS B 13 30.44 -3.74 -17.18
CA HIS B 13 31.74 -3.05 -17.24
C HIS B 13 32.16 -2.82 -18.69
N PRO B 14 33.10 -1.92 -18.87
CA PRO B 14 33.65 -1.62 -20.20
C PRO B 14 34.06 -2.97 -20.80
N PRO B 15 33.64 -3.20 -22.02
CA PRO B 15 33.83 -4.44 -22.75
C PRO B 15 35.26 -4.66 -23.24
N GLU B 16 35.69 -5.90 -23.03
CA GLU B 16 37.03 -6.32 -23.45
C GLU B 16 36.91 -7.76 -23.94
N ASN B 17 37.26 -7.99 -25.21
CA ASN B 17 37.16 -9.31 -25.80
C ASN B 17 37.79 -10.42 -24.99
N GLY B 18 37.01 -11.50 -24.84
CA GLY B 18 37.44 -12.64 -24.07
C GLY B 18 37.36 -12.39 -22.58
N LYS B 19 36.88 -11.24 -22.12
CA LYS B 19 36.75 -11.00 -20.69
C LYS B 19 35.29 -10.97 -20.26
N PRO B 20 34.96 -11.92 -19.41
CA PRO B 20 33.65 -12.15 -18.85
C PRO B 20 33.03 -10.89 -18.28
N ASN B 21 31.83 -10.59 -18.76
CA ASN B 21 31.07 -9.43 -18.32
C ASN B 21 29.61 -9.81 -18.05
N ILE B 22 28.82 -8.77 -17.80
CA ILE B 22 27.39 -8.96 -17.59
C ILE B 22 26.73 -8.04 -18.64
N LEU B 23 25.77 -8.63 -19.32
CA LEU B 23 25.07 -7.86 -20.33
C LEU B 23 23.68 -7.54 -19.80
N ASN B 24 23.28 -6.28 -19.93
CA ASN B 24 22.04 -5.78 -19.42
C ASN B 24 21.07 -5.32 -20.50
N CYS B 25 19.79 -5.56 -20.21
CA CYS B 25 18.71 -5.12 -21.05
C CYS B 25 17.78 -4.30 -20.13
N TYR B 26 17.77 -2.99 -20.33
CA TYR B 26 17.00 -2.11 -19.47
C TYR B 26 15.77 -1.55 -20.17
N VAL B 27 14.63 -2.02 -19.71
CA VAL B 27 13.37 -1.63 -20.32
C VAL B 27 12.53 -0.77 -19.43
N THR B 28 12.10 0.37 -19.95
CA THR B 28 11.36 1.35 -19.16
C THR B 28 10.18 1.91 -19.94
N GLN B 29 9.43 2.76 -19.27
CA GLN B 29 8.29 3.42 -19.86
C GLN B 29 7.21 2.55 -20.45
N PHE B 30 6.86 1.41 -19.88
CA PHE B 30 5.79 0.61 -20.44
C PHE B 30 4.62 0.57 -19.45
N HIS B 31 3.47 0.28 -19.98
CA HIS B 31 2.24 0.15 -19.17
C HIS B 31 1.25 -0.41 -20.17
N PRO B 32 0.58 -1.49 -19.92
CA PRO B 32 0.59 -2.29 -18.73
C PRO B 32 1.91 -2.92 -18.36
N PRO B 33 1.98 -3.45 -17.16
CA PRO B 33 3.15 -4.07 -16.60
C PRO B 33 3.55 -5.37 -17.25
N HIS B 34 2.59 -6.04 -17.87
CA HIS B 34 2.89 -7.33 -18.49
C HIS B 34 3.82 -7.16 -19.68
N ILE B 35 4.91 -7.94 -19.68
CA ILE B 35 5.84 -7.76 -20.82
C ILE B 35 6.70 -8.97 -21.08
N GLU B 36 7.11 -9.17 -22.34
CA GLU B 36 7.95 -10.36 -22.61
C GLU B 36 9.32 -9.87 -23.05
N ILE B 37 10.36 -10.22 -22.29
CA ILE B 37 11.68 -9.74 -22.69
C ILE B 37 12.62 -10.93 -22.88
N GLN B 38 13.34 -10.96 -23.99
CA GLN B 38 14.31 -12.01 -24.28
C GLN B 38 15.66 -11.44 -24.73
N MET B 39 16.72 -12.08 -24.23
CA MET B 39 18.06 -11.67 -24.65
C MET B 39 18.60 -12.68 -25.67
N LEU B 40 19.28 -12.15 -26.69
CA LEU B 40 19.77 -13.02 -27.73
C LEU B 40 21.27 -12.85 -27.94
N LYS B 41 21.85 -13.95 -28.40
CA LYS B 41 23.23 -14.07 -28.77
C LYS B 41 23.25 -14.66 -30.19
N ASN B 42 23.66 -13.83 -31.14
CA ASN B 42 23.77 -14.26 -32.53
C ASN B 42 22.43 -14.78 -33.01
N GLY B 43 21.34 -14.14 -32.59
CA GLY B 43 20.00 -14.48 -32.98
C GLY B 43 19.34 -15.65 -32.30
N LYS B 44 20.02 -16.32 -31.39
CA LYS B 44 19.42 -17.48 -30.72
C LYS B 44 19.09 -17.11 -29.28
N LYS B 45 17.90 -17.47 -28.82
CA LYS B 45 17.57 -17.14 -27.43
C LYS B 45 18.69 -17.56 -26.48
N ILE B 46 18.84 -16.77 -25.42
CA ILE B 46 19.77 -17.03 -24.35
C ILE B 46 18.91 -17.66 -23.23
N PRO B 47 19.24 -18.88 -22.92
CA PRO B 47 18.58 -19.72 -21.95
C PRO B 47 18.30 -19.05 -20.61
N LYS B 48 19.35 -18.88 -19.83
CA LYS B 48 19.21 -18.29 -18.51
C LYS B 48 19.34 -16.79 -18.45
N VAL B 49 18.20 -16.13 -18.27
CA VAL B 49 18.18 -14.68 -18.19
C VAL B 49 17.54 -14.30 -16.86
N GLU B 50 18.30 -13.59 -16.04
CA GLU B 50 17.79 -13.17 -14.76
C GLU B 50 17.02 -11.86 -14.91
N MET B 51 15.84 -11.78 -14.32
CA MET B 51 15.05 -10.56 -14.39
C MET B 51 14.94 -9.92 -13.00
N SER B 52 14.96 -8.60 -13.00
CA SER B 52 14.77 -7.86 -11.75
C SER B 52 13.27 -7.90 -11.39
N ASP B 53 12.99 -7.46 -10.17
CA ASP B 53 11.57 -7.42 -9.77
C ASP B 53 10.98 -6.17 -10.42
N MET B 54 9.68 -6.19 -10.75
CA MET B 54 9.18 -4.97 -11.36
C MET B 54 9.06 -3.82 -10.40
N SER B 55 8.95 -2.64 -10.98
CA SER B 55 8.81 -1.36 -10.34
C SER B 55 8.14 -0.39 -11.34
N PHE B 56 7.71 0.73 -10.84
CA PHE B 56 7.07 1.74 -11.65
C PHE B 56 7.60 3.06 -11.07
N SER B 57 7.48 4.13 -11.83
CA SER B 57 8.01 5.37 -11.26
C SER B 57 6.90 6.37 -11.15
N LYS B 58 7.20 7.60 -10.77
CA LYS B 58 6.21 8.61 -10.58
C LYS B 58 5.32 8.82 -11.79
N ASP B 59 5.75 8.62 -13.02
CA ASP B 59 4.82 8.83 -14.13
C ASP B 59 3.94 7.63 -14.35
N TRP B 60 3.91 6.68 -13.46
CA TRP B 60 3.17 5.46 -13.45
C TRP B 60 3.67 4.38 -14.39
N SER B 61 4.75 4.61 -15.13
CA SER B 61 5.17 3.55 -16.05
C SER B 61 6.10 2.60 -15.30
N PHE B 62 6.16 1.38 -15.83
CA PHE B 62 6.94 0.33 -15.24
C PHE B 62 8.34 0.23 -15.81
N TYR B 63 9.20 -0.49 -15.09
CA TYR B 63 10.54 -0.70 -15.58
C TYR B 63 11.08 -2.04 -15.08
N ILE B 64 12.07 -2.53 -15.79
CA ILE B 64 12.63 -3.81 -15.41
C ILE B 64 14.03 -3.94 -16.00
N LEU B 65 14.87 -4.65 -15.25
CA LEU B 65 16.23 -4.86 -15.66
C LEU B 65 16.45 -6.34 -15.93
N ALA B 66 16.83 -6.61 -17.19
CA ALA B 66 17.13 -8.04 -17.47
C ALA B 66 18.64 -8.12 -17.71
N HIS B 67 19.23 -9.16 -17.16
CA HIS B 67 20.67 -9.35 -17.35
C HIS B 67 21.10 -10.81 -17.48
N THR B 68 22.30 -10.97 -18.03
CA THR B 68 22.87 -12.29 -18.25
C THR B 68 24.38 -12.21 -18.41
N GLU B 69 25.09 -13.17 -17.84
CA GLU B 69 26.56 -13.20 -17.93
C GLU B 69 26.95 -13.42 -19.38
N PHE B 70 28.04 -12.76 -19.77
CA PHE B 70 28.52 -12.87 -21.13
C PHE B 70 30.01 -12.58 -21.30
N THR B 71 30.52 -13.14 -22.41
CA THR B 71 31.90 -12.90 -22.78
C THR B 71 31.94 -12.31 -24.19
N PRO B 72 32.32 -11.05 -24.19
CA PRO B 72 32.41 -10.25 -25.39
C PRO B 72 33.51 -10.82 -26.29
N THR B 73 33.14 -11.06 -27.52
CA THR B 73 34.02 -11.59 -28.55
C THR B 73 33.86 -10.61 -29.73
N GLU B 74 34.85 -10.55 -30.58
CA GLU B 74 34.86 -9.63 -31.71
C GLU B 74 33.77 -9.81 -32.73
N THR B 75 33.20 -11.00 -32.86
CA THR B 75 32.13 -11.19 -33.81
C THR B 75 30.80 -11.49 -33.11
N ASP B 76 30.80 -12.08 -31.91
CA ASP B 76 29.50 -12.35 -31.29
C ASP B 76 28.61 -11.13 -31.24
N THR B 77 27.33 -11.33 -31.51
CA THR B 77 26.36 -10.25 -31.46
C THR B 77 25.30 -10.58 -30.42
N TYR B 78 24.85 -9.56 -29.71
CA TYR B 78 23.84 -9.78 -28.65
C TYR B 78 22.69 -8.81 -28.83
N ALA B 79 21.48 -9.28 -28.50
CA ALA B 79 20.32 -8.42 -28.64
C ALA B 79 19.29 -8.63 -27.54
N CYS B 80 18.30 -7.73 -27.54
CA CYS B 80 17.21 -7.75 -26.61
C CYS B 80 15.91 -7.54 -27.40
N ARG B 81 15.09 -8.57 -27.35
CA ARG B 81 13.81 -8.46 -28.05
C ARG B 81 12.70 -8.40 -27.01
N VAL B 82 11.87 -7.38 -27.17
CA VAL B 82 10.80 -7.13 -26.22
C VAL B 82 9.42 -7.19 -26.84
N LYS B 83 8.54 -7.93 -26.16
CA LYS B 83 7.16 -8.07 -26.62
C LYS B 83 6.20 -7.41 -25.65
N HIS B 84 5.52 -6.39 -26.15
CA HIS B 84 4.56 -5.62 -25.39
C HIS B 84 3.35 -5.20 -26.23
N ASP B 85 2.21 -5.18 -25.53
CA ASP B 85 0.94 -4.83 -26.12
C ASP B 85 0.90 -3.47 -26.76
N SER B 86 1.78 -2.54 -26.45
CA SER B 86 1.74 -1.23 -27.07
C SER B 86 2.42 -1.22 -28.44
N MET B 87 3.04 -2.33 -28.81
CA MET B 87 3.76 -2.42 -30.07
C MET B 87 3.13 -3.47 -30.97
N ALA B 88 3.08 -3.18 -32.27
CA ALA B 88 2.53 -4.12 -33.25
C ALA B 88 3.40 -5.37 -33.33
N GLU B 89 4.71 -5.11 -33.47
CA GLU B 89 5.71 -6.15 -33.56
C GLU B 89 6.81 -5.90 -32.50
N PRO B 90 7.42 -7.01 -32.14
CA PRO B 90 8.49 -7.05 -31.15
C PRO B 90 9.60 -6.07 -31.47
N LYS B 91 10.00 -5.31 -30.43
CA LYS B 91 11.08 -4.37 -30.66
C LYS B 91 12.40 -5.01 -30.30
N THR B 92 13.33 -4.92 -31.24
CA THR B 92 14.63 -5.54 -30.94
C THR B 92 15.68 -4.46 -30.82
N VAL B 93 16.59 -4.64 -29.86
CA VAL B 93 17.61 -3.61 -29.70
C VAL B 93 18.94 -4.35 -29.64
N TYR B 94 19.89 -3.86 -30.40
CA TYR B 94 21.18 -4.52 -30.45
C TYR B 94 22.29 -3.94 -29.61
N TRP B 95 23.00 -4.84 -28.92
CA TRP B 95 24.13 -4.39 -28.12
C TRP B 95 25.18 -3.73 -29.01
N ASP B 96 25.58 -2.51 -28.63
CA ASP B 96 26.62 -1.80 -29.37
C ASP B 96 27.73 -1.48 -28.37
N ARG B 97 28.93 -1.97 -28.57
CA ARG B 97 30.06 -1.74 -27.69
C ARG B 97 30.40 -0.32 -27.30
N ASP B 98 30.06 0.68 -28.10
CA ASP B 98 30.34 2.08 -27.85
C ASP B 98 29.17 2.87 -27.29
N MET B 99 28.17 2.20 -26.73
CA MET B 99 27.01 2.81 -26.12
C MET B 99 26.50 2.03 -24.91
N ILE C 1 7.35 2.11 7.87
CA ILE C 1 6.21 1.20 7.62
C ILE C 1 5.07 1.88 6.86
N ASN C 2 4.47 1.10 5.98
CA ASN C 2 3.41 1.51 5.10
C ASN C 2 2.15 1.84 5.88
N PHE C 3 1.15 2.30 5.16
CA PHE C 3 -0.16 2.65 5.75
C PHE C 3 -1.19 1.57 5.50
N ASP C 4 -2.27 1.61 6.25
CA ASP C 4 -3.44 0.73 6.16
C ASP C 4 -4.51 1.42 5.28
N PHE C 5 -4.47 1.00 4.03
CA PHE C 5 -5.33 1.51 3.00
C PHE C 5 -6.76 1.02 3.07
N ASN C 6 -7.67 1.98 3.04
CA ASN C 6 -9.09 1.68 2.99
C ASN C 6 -9.43 1.49 1.51
N THR C 7 -10.70 1.48 1.12
CA THR C 7 -10.93 1.23 -0.31
C THR C 7 -11.51 2.46 -0.94
N ILE C 8 -11.63 2.46 -2.24
CA ILE C 8 -12.25 3.59 -2.93
C ILE C 8 -13.73 3.27 -3.26
N LYS D 2 -7.00 -6.31 26.38
CA LYS D 2 -7.19 -5.27 25.31
C LYS D 2 -8.33 -4.34 25.64
N VAL D 3 -9.48 -4.78 26.15
CA VAL D 3 -10.53 -3.82 26.53
C VAL D 3 -11.13 -4.29 27.86
N THR D 4 -11.15 -3.46 28.89
CA THR D 4 -11.69 -3.88 30.17
C THR D 4 -12.64 -2.90 30.81
N GLN D 5 -13.81 -3.34 31.21
CA GLN D 5 -14.70 -2.38 31.89
C GLN D 5 -15.02 -3.02 33.23
N THR D 6 -14.29 -2.55 34.24
CA THR D 6 -14.38 -3.09 35.56
C THR D 6 -15.72 -3.12 36.21
N GLN D 7 -16.49 -2.05 36.21
CA GLN D 7 -17.81 -2.09 36.87
C GLN D 7 -18.84 -2.99 36.21
N THR D 8 -19.59 -3.73 37.03
CA THR D 8 -20.62 -4.68 36.61
C THR D 8 -21.96 -3.97 36.37
N SER D 9 -22.25 -3.01 37.27
CA SER D 9 -23.51 -2.29 37.12
C SER D 9 -23.55 -1.03 37.97
N ILE D 10 -24.45 -0.14 37.56
CA ILE D 10 -24.66 1.15 38.18
C ILE D 10 -26.15 1.45 38.28
N SER D 11 -26.51 2.08 39.41
CA SER D 11 -27.90 2.45 39.65
C SER D 11 -27.96 3.89 40.14
N VAL D 12 -28.73 4.71 39.46
CA VAL D 12 -28.90 6.09 39.83
C VAL D 12 -30.35 6.52 39.62
N MET D 13 -30.61 7.79 39.94
CA MET D 13 -31.92 8.39 39.79
C MET D 13 -31.83 9.36 38.61
N GLU D 14 -32.91 9.43 37.85
CA GLU D 14 -32.96 10.34 36.70
C GLU D 14 -32.37 11.68 37.05
N LYS D 15 -31.84 12.37 36.04
CA LYS D 15 -31.22 13.67 36.16
C LYS D 15 -29.77 13.64 36.60
N THR D 16 -29.27 12.52 37.09
CA THR D 16 -27.91 12.36 37.56
C THR D 16 -26.92 12.18 36.40
N THR D 17 -25.64 12.38 36.69
CA THR D 17 -24.59 12.19 35.70
C THR D 17 -23.84 10.91 36.05
N VAL D 18 -23.64 10.07 35.03
CA VAL D 18 -22.95 8.80 35.25
C VAL D 18 -21.70 8.73 34.39
N THR D 19 -20.75 7.97 34.91
CA THR D 19 -19.50 7.77 34.21
C THR D 19 -19.20 6.27 34.18
N MET D 20 -19.16 5.75 32.97
CA MET D 20 -18.83 4.34 32.72
C MET D 20 -17.32 4.30 32.40
N ASP D 21 -16.60 3.43 33.06
CA ASP D 21 -15.16 3.37 32.88
C ASP D 21 -14.79 2.36 31.79
N CYS D 22 -13.68 2.63 31.13
CA CYS D 22 -13.17 1.77 30.10
C CYS D 22 -11.65 1.94 30.01
N VAL D 23 -10.99 0.82 30.18
CA VAL D 23 -9.53 0.82 30.08
C VAL D 23 -9.11 -0.11 28.97
N TYR D 24 -8.12 0.30 28.20
CA TYR D 24 -7.70 -0.55 27.08
C TYR D 24 -6.22 -0.76 26.97
N GLU D 25 -5.85 -1.79 26.23
CA GLU D 25 -4.48 -2.18 25.95
C GLU D 25 -4.31 -2.40 24.43
N THR D 26 -3.46 -1.61 23.80
CA THR D 26 -3.16 -1.71 22.41
C THR D 26 -1.65 -1.33 22.21
N GLN D 27 -1.11 -1.85 21.14
CA GLN D 27 0.26 -1.44 20.80
C GLN D 27 0.21 -0.67 19.49
N ASP D 28 -0.97 -0.46 18.90
CA ASP D 28 -1.10 0.27 17.63
C ASP D 28 -0.92 1.77 17.79
N SER D 29 -0.31 2.46 16.84
CA SER D 29 -0.13 3.90 16.97
C SER D 29 -1.41 4.67 16.68
N SER D 30 -2.25 4.18 15.83
CA SER D 30 -3.55 4.77 15.51
C SER D 30 -4.60 3.76 15.99
N TYR D 31 -5.64 4.19 16.67
CA TYR D 31 -6.59 3.18 17.16
C TYR D 31 -7.91 3.86 17.36
N PHE D 32 -8.95 3.04 17.40
CA PHE D 32 -10.34 3.47 17.41
C PHE D 32 -11.12 2.84 18.55
N LEU D 33 -11.74 3.67 19.36
CA LEU D 33 -12.54 3.30 20.54
C LEU D 33 -14.02 3.64 20.40
N PHE D 34 -14.92 2.77 20.85
CA PHE D 34 -16.34 3.01 20.61
C PHE D 34 -17.20 2.62 21.81
N TRP D 35 -18.36 3.27 21.95
CA TRP D 35 -19.28 2.93 23.01
C TRP D 35 -20.62 2.59 22.36
N TYR D 36 -21.16 1.46 22.79
CA TYR D 36 -22.44 0.99 22.25
C TYR D 36 -23.38 0.79 23.44
N LYS D 37 -24.66 0.69 23.15
CA LYS D 37 -25.63 0.43 24.22
C LYS D 37 -26.62 -0.63 23.80
N GLN D 38 -26.95 -1.52 24.73
CA GLN D 38 -27.89 -2.59 24.39
C GLN D 38 -29.13 -2.49 25.27
N THR D 39 -30.27 -2.31 24.61
CA THR D 39 -31.52 -2.22 25.35
C THR D 39 -32.00 -3.63 25.73
N ALA D 40 -33.03 -3.61 26.58
CA ALA D 40 -33.67 -4.84 27.03
C ALA D 40 -33.93 -5.74 25.84
N SER D 41 -34.47 -5.17 24.78
CA SER D 41 -34.77 -5.82 23.54
C SER D 41 -33.60 -6.48 22.83
N GLY D 42 -32.35 -6.08 23.06
CA GLY D 42 -31.29 -6.78 22.31
C GLY D 42 -30.74 -5.84 21.24
N GLU D 43 -31.40 -4.69 21.12
CA GLU D 43 -30.89 -3.74 20.11
C GLU D 43 -29.52 -3.25 20.59
N ILE D 44 -28.52 -3.34 19.72
CA ILE D 44 -27.20 -2.82 20.06
C ILE D 44 -27.04 -1.49 19.33
N VAL D 45 -27.02 -0.38 20.06
CA VAL D 45 -26.96 0.93 19.40
C VAL D 45 -25.65 1.66 19.55
N PHE D 46 -25.15 2.17 18.41
CA PHE D 46 -23.92 2.93 18.40
C PHE D 46 -24.11 4.29 19.07
N LEU D 47 -23.25 4.59 20.05
CA LEU D 47 -23.36 5.85 20.75
C LEU D 47 -22.38 6.92 20.33
N ILE D 48 -21.10 6.64 20.55
CA ILE D 48 -20.07 7.67 20.28
C ILE D 48 -18.70 7.00 20.19
N ARG D 49 -17.76 7.67 19.54
CA ARG D 49 -16.42 7.11 19.39
C ARG D 49 -15.34 8.16 19.55
N GLN D 50 -14.12 7.69 19.63
CA GLN D 50 -12.96 8.55 19.80
C GLN D 50 -11.83 8.07 18.90
N ASP D 51 -11.21 8.99 18.15
CA ASP D 51 -10.08 8.49 17.35
C ASP D 51 -8.87 8.75 18.20
N SER D 52 -7.93 7.84 18.29
CA SER D 52 -6.74 8.05 19.11
C SER D 52 -5.99 9.30 18.68
N TYR D 53 -6.11 9.70 17.42
CA TYR D 53 -5.43 10.87 16.91
C TYR D 53 -6.26 12.12 17.02
N LYS D 54 -7.48 12.03 17.53
CA LYS D 54 -8.28 13.27 17.69
C LYS D 54 -8.00 13.79 19.09
N LYS D 55 -7.36 14.95 19.09
CA LYS D 55 -6.93 15.65 20.29
C LYS D 55 -8.04 16.01 21.26
N GLU D 56 -9.27 16.14 20.79
CA GLU D 56 -10.37 16.47 21.67
C GLU D 56 -11.28 15.34 22.08
N ASN D 57 -11.95 15.54 23.22
CA ASN D 57 -12.90 14.58 23.77
C ASN D 57 -14.18 14.68 22.91
N ALA D 58 -14.55 13.54 22.33
CA ALA D 58 -15.72 13.52 21.46
C ALA D 58 -16.97 13.91 22.23
N THR D 59 -17.89 14.62 21.56
CA THR D 59 -19.12 14.99 22.26
C THR D 59 -20.32 14.81 21.34
N VAL D 60 -21.35 14.12 21.83
CA VAL D 60 -22.54 13.88 21.04
C VAL D 60 -23.79 13.88 21.94
N GLY D 61 -24.66 14.87 21.83
CA GLY D 61 -25.85 14.92 22.67
C GLY D 61 -25.46 14.95 24.13
N HIS D 62 -26.06 14.07 24.95
CA HIS D 62 -25.73 14.05 26.38
C HIS D 62 -24.66 13.03 26.72
N TYR D 63 -24.01 12.53 25.66
CA TYR D 63 -22.92 11.59 25.78
C TYR D 63 -21.61 12.33 25.52
N SER D 64 -20.71 12.15 26.46
CA SER D 64 -19.39 12.79 26.37
C SER D 64 -18.30 11.76 26.71
N LEU D 65 -17.17 11.89 26.04
CA LEU D 65 -16.10 10.97 26.37
C LEU D 65 -15.02 11.73 27.12
N ASN D 66 -14.30 10.98 27.93
CA ASN D 66 -13.17 11.46 28.69
C ASN D 66 -11.98 10.57 28.30
N PHE D 67 -11.35 11.00 27.23
CA PHE D 67 -10.23 10.24 26.70
C PHE D 67 -8.92 10.69 27.34
N GLN D 68 -8.36 9.74 28.09
CA GLN D 68 -7.08 9.93 28.77
C GLN D 68 -5.98 9.06 28.19
N LYS D 69 -5.55 9.40 26.98
CA LYS D 69 -4.51 8.70 26.26
C LYS D 69 -3.43 8.12 27.15
N PRO D 70 -2.75 8.91 27.94
CA PRO D 70 -1.70 8.48 28.85
C PRO D 70 -2.18 7.42 29.82
N LYS D 71 -3.41 7.49 30.30
CA LYS D 71 -3.89 6.45 31.21
C LYS D 71 -4.59 5.29 30.52
N SER D 72 -4.75 5.36 29.20
CA SER D 72 -5.45 4.36 28.41
C SER D 72 -6.87 4.20 28.93
N SER D 73 -7.52 5.32 29.13
CA SER D 73 -8.87 5.30 29.67
C SER D 73 -9.77 6.02 28.70
N ILE D 74 -10.97 5.48 28.54
CA ILE D 74 -11.93 6.14 27.64
C ILE D 74 -13.31 6.00 28.26
N GLY D 75 -13.54 6.74 29.36
CA GLY D 75 -14.79 6.71 30.06
C GLY D 75 -15.94 7.40 29.34
N LEU D 76 -17.13 6.83 29.50
CA LEU D 76 -18.32 7.37 28.90
C LEU D 76 -19.14 8.12 29.96
N ILE D 77 -19.28 9.41 29.72
CA ILE D 77 -20.01 10.26 30.64
C ILE D 77 -21.38 10.65 30.14
N ILE D 78 -22.40 10.17 30.83
CA ILE D 78 -23.77 10.53 30.41
C ILE D 78 -24.26 11.64 31.31
N THR D 79 -24.37 12.85 30.75
CA THR D 79 -24.79 13.98 31.58
C THR D 79 -26.31 14.08 31.73
N ALA D 80 -26.75 14.22 32.98
CA ALA D 80 -28.14 14.39 33.35
C ALA D 80 -29.05 13.41 32.61
N THR D 81 -29.14 12.25 33.20
CA THR D 81 -29.82 11.06 32.82
C THR D 81 -31.32 10.93 32.80
N GLN D 82 -31.83 10.26 31.76
CA GLN D 82 -33.26 9.99 31.66
C GLN D 82 -33.47 8.48 31.84
N ILE D 83 -34.72 8.09 31.97
CA ILE D 83 -35.06 6.68 32.17
C ILE D 83 -34.70 5.87 30.94
N GLU D 84 -34.71 6.57 29.80
CA GLU D 84 -34.36 6.03 28.51
C GLU D 84 -32.92 5.53 28.47
N ASP D 85 -32.02 6.02 29.31
CA ASP D 85 -30.64 5.58 29.29
C ASP D 85 -30.37 4.29 30.01
N SER D 86 -31.36 3.62 30.56
CA SER D 86 -31.10 2.34 31.25
C SER D 86 -30.79 1.26 30.21
N ALA D 87 -29.59 0.69 30.36
CA ALA D 87 -29.19 -0.34 29.39
C ALA D 87 -27.82 -0.88 29.74
N VAL D 88 -27.39 -1.84 28.91
CA VAL D 88 -26.03 -2.36 29.11
C VAL D 88 -25.15 -1.54 28.15
N TYR D 89 -24.13 -0.94 28.72
CA TYR D 89 -23.18 -0.13 28.00
C TYR D 89 -21.92 -0.88 27.68
N PHE D 90 -21.56 -0.89 26.39
CA PHE D 90 -20.40 -1.59 25.90
C PHE D 90 -19.33 -0.66 25.35
N CYS D 91 -18.10 -1.03 25.68
CA CYS D 91 -16.91 -0.32 25.25
C CYS D 91 -16.20 -1.26 24.26
N ALA D 92 -15.70 -0.73 23.15
CA ALA D 92 -15.05 -1.58 22.18
C ALA D 92 -13.87 -0.90 21.53
N MET D 93 -12.94 -1.73 21.04
CA MET D 93 -11.78 -1.22 20.34
C MET D 93 -11.50 -2.09 19.13
N ARG D 94 -11.12 -1.51 17.98
CA ARG D 94 -10.84 -2.37 16.83
C ARG D 94 -9.53 -3.07 17.18
N GLY D 95 -9.41 -4.35 16.84
CA GLY D 95 -8.22 -5.12 17.10
C GLY D 95 -8.05 -6.25 16.10
N ASP D 96 -7.95 -5.93 14.84
CA ASP D 96 -7.81 -6.89 13.76
C ASP D 96 -6.44 -7.57 13.69
N TYR D 97 -6.42 -8.78 13.13
CA TYR D 97 -5.23 -9.56 12.89
C TYR D 97 -5.65 -10.82 12.13
N GLY D 98 -4.71 -11.48 11.47
CA GLY D 98 -5.01 -12.69 10.72
C GLY D 98 -5.98 -12.54 9.58
N GLY D 99 -6.25 -11.34 9.10
CA GLY D 99 -7.19 -11.13 8.02
C GLY D 99 -8.60 -10.93 8.53
N SER D 100 -8.76 -10.46 9.77
CA SER D 100 -10.07 -10.27 10.37
C SER D 100 -10.92 -9.18 9.75
N GLY D 101 -10.36 -8.11 9.21
CA GLY D 101 -11.17 -7.11 8.55
C GLY D 101 -11.97 -6.17 9.39
N ASN D 102 -12.97 -6.66 10.12
CA ASN D 102 -13.77 -5.70 10.92
C ASN D 102 -14.00 -6.22 12.33
N LYS D 103 -12.92 -6.60 13.00
CA LYS D 103 -13.00 -7.12 14.35
C LYS D 103 -12.92 -6.08 15.44
N LEU D 104 -13.99 -6.00 16.20
CA LEU D 104 -14.02 -5.10 17.35
C LEU D 104 -13.78 -5.99 18.58
N ILE D 105 -13.09 -5.47 19.58
CA ILE D 105 -12.94 -6.27 20.81
C ILE D 105 -13.89 -5.67 21.83
N PHE D 106 -14.74 -6.48 22.48
CA PHE D 106 -15.69 -5.86 23.38
C PHE D 106 -15.41 -6.10 24.85
N GLY D 107 -15.69 -5.06 25.64
CA GLY D 107 -15.53 -5.24 27.09
C GLY D 107 -16.75 -6.07 27.50
N THR D 108 -16.83 -6.47 28.75
CA THR D 108 -17.98 -7.24 29.21
C THR D 108 -19.23 -6.42 29.43
N GLY D 109 -19.22 -5.12 29.38
CA GLY D 109 -20.43 -4.36 29.55
C GLY D 109 -20.75 -4.06 31.01
N THR D 110 -21.31 -2.88 31.22
CA THR D 110 -21.70 -2.40 32.55
C THR D 110 -23.18 -2.01 32.51
N LEU D 111 -23.97 -2.64 33.38
CA LEU D 111 -25.40 -2.36 33.41
C LEU D 111 -25.70 -1.05 34.13
N LEU D 112 -26.56 -0.22 33.55
CA LEU D 112 -26.91 1.04 34.13
C LEU D 112 -28.42 1.14 34.39
N SER D 113 -28.77 1.64 35.58
CA SER D 113 -30.18 1.78 35.89
C SER D 113 -30.59 3.20 36.22
N VAL D 114 -31.79 3.55 35.79
CA VAL D 114 -32.38 4.86 36.05
C VAL D 114 -33.78 4.69 36.69
N LYS D 115 -33.86 5.11 37.95
CA LYS D 115 -35.13 5.08 38.69
C LYS D 115 -35.74 6.47 38.39
N PRO D 116 -37.11 6.37 38.23
CA PRO D 116 -37.86 7.59 37.87
C PRO D 116 -37.61 8.80 38.74
N VAL E 1 -34.91 -1.87 10.86
CA VAL E 1 -35.02 -0.43 11.35
C VAL E 1 -33.63 0.23 11.18
N THR E 2 -32.71 -0.72 11.28
CA THR E 2 -31.28 -0.48 11.13
C THR E 2 -31.04 -0.45 9.62
N LEU E 3 -29.79 -0.67 9.25
CA LEU E 3 -29.36 -0.75 7.86
C LEU E 3 -29.34 -2.21 7.43
N LEU E 4 -29.73 -3.09 8.35
CA LEU E 4 -29.74 -4.52 8.13
C LEU E 4 -31.08 -5.16 8.42
N GLU E 5 -31.27 -6.27 7.72
CA GLU E 5 -32.43 -7.12 7.82
C GLU E 5 -32.00 -8.56 8.09
N GLN E 6 -32.12 -8.96 9.37
CA GLN E 6 -31.82 -10.29 9.83
C GLN E 6 -33.07 -11.16 10.12
N ASN E 7 -32.98 -12.37 9.61
CA ASN E 7 -34.07 -13.32 9.83
C ASN E 7 -33.39 -14.67 9.96
N PRO E 8 -33.92 -15.52 10.81
CA PRO E 8 -35.09 -15.33 11.62
C PRO E 8 -34.78 -14.38 12.78
N ARG E 9 -35.76 -14.00 13.53
CA ARG E 9 -35.54 -13.14 14.68
C ARG E 9 -35.04 -14.05 15.83
N TRP E 10 -35.58 -15.25 15.89
CA TRP E 10 -35.26 -16.21 16.93
C TRP E 10 -35.48 -17.60 16.32
N ARG E 11 -34.98 -18.61 16.99
CA ARG E 11 -35.15 -19.94 16.41
C ARG E 11 -34.82 -21.00 17.45
N LEU E 12 -35.66 -22.02 17.53
CA LEU E 12 -35.37 -23.11 18.47
C LEU E 12 -34.46 -24.10 17.74
N VAL E 13 -33.27 -24.31 18.26
CA VAL E 13 -32.42 -25.27 17.55
C VAL E 13 -32.39 -26.58 18.30
N PRO E 14 -32.94 -27.61 17.69
CA PRO E 14 -32.96 -28.95 18.21
C PRO E 14 -31.52 -29.45 18.39
N ARG E 15 -31.32 -30.58 19.01
CA ARG E 15 -30.05 -31.19 19.26
C ARG E 15 -29.07 -31.33 18.13
N GLY E 16 -29.25 -32.32 17.24
CA GLY E 16 -28.27 -32.48 16.16
C GLY E 16 -28.70 -31.72 14.91
N GLN E 17 -29.37 -30.57 15.09
CA GLN E 17 -29.85 -29.80 13.97
C GLN E 17 -29.05 -28.54 13.65
N ALA E 18 -28.73 -28.40 12.36
CA ALA E 18 -28.00 -27.23 11.90
C ALA E 18 -29.06 -26.16 11.70
N VAL E 19 -28.68 -24.91 11.69
CA VAL E 19 -29.73 -23.88 11.49
C VAL E 19 -29.15 -22.82 10.58
N ASN E 20 -30.00 -22.08 9.84
CA ASN E 20 -29.48 -21.04 9.00
C ASN E 20 -30.12 -19.68 9.22
N LEU E 21 -29.20 -18.72 9.25
CA LEU E 21 -29.45 -17.31 9.43
C LEU E 21 -29.16 -16.53 8.14
N ARG E 22 -29.94 -15.47 7.95
CA ARG E 22 -29.74 -14.67 6.74
C ARG E 22 -29.71 -13.20 7.12
N CYS E 23 -28.81 -12.48 6.47
CA CYS E 23 -28.69 -11.04 6.70
C CYS E 23 -28.66 -10.29 5.37
N ILE E 24 -29.55 -9.29 5.27
CA ILE E 24 -29.70 -8.48 4.08
C ILE E 24 -29.33 -7.01 4.31
N LEU E 25 -28.40 -6.54 3.47
CA LEU E 25 -27.96 -5.15 3.63
C LEU E 25 -28.99 -4.23 2.97
N LYS E 26 -29.51 -3.27 3.70
CA LYS E 26 -30.50 -2.35 3.16
C LYS E 26 -29.89 -1.05 2.68
N ASN E 27 -28.70 -0.71 3.16
CA ASN E 27 -28.03 0.51 2.74
C ASN E 27 -26.69 0.10 2.16
N SER E 28 -26.54 0.32 0.85
CA SER E 28 -25.35 -0.06 0.13
C SER E 28 -24.11 0.74 0.43
N GLN E 29 -24.22 1.74 1.27
CA GLN E 29 -23.09 2.57 1.63
C GLN E 29 -22.18 1.82 2.59
N TYR E 30 -22.64 0.71 3.14
CA TYR E 30 -21.93 -0.09 4.15
C TYR E 30 -21.74 -1.51 3.75
N PRO E 31 -20.89 -1.80 2.81
CA PRO E 31 -20.69 -3.13 2.27
C PRO E 31 -19.83 -4.10 3.01
N TRP E 32 -19.20 -3.65 4.08
CA TRP E 32 -18.36 -4.56 4.89
C TRP E 32 -19.33 -5.15 5.93
N MET E 33 -19.56 -6.45 5.80
CA MET E 33 -20.51 -7.10 6.67
C MET E 33 -19.84 -8.20 7.47
N SER E 34 -20.21 -8.28 8.73
CA SER E 34 -19.65 -9.27 9.62
C SER E 34 -20.76 -9.96 10.43
N TRP E 35 -20.31 -11.01 11.07
CA TRP E 35 -21.10 -11.84 11.98
C TRP E 35 -20.42 -11.78 13.37
N TYR E 36 -21.17 -11.44 14.39
CA TYR E 36 -20.71 -11.37 15.76
C TYR E 36 -21.65 -12.26 16.58
N GLN E 37 -21.13 -12.88 17.63
CA GLN E 37 -22.04 -13.66 18.48
C GLN E 37 -22.01 -13.02 19.86
N GLN E 38 -23.12 -13.19 20.55
CA GLN E 38 -23.16 -12.67 21.92
C GLN E 38 -23.58 -13.83 22.80
N ASP E 39 -22.78 -14.25 23.77
CA ASP E 39 -23.15 -15.38 24.62
C ASP E 39 -24.19 -15.01 25.66
N LEU E 40 -24.66 -16.03 26.41
CA LEU E 40 -25.66 -15.80 27.45
C LEU E 40 -25.14 -14.90 28.55
N GLN E 41 -23.82 -14.88 28.74
CA GLN E 41 -23.23 -13.99 29.74
C GLN E 41 -23.15 -12.59 29.20
N LYS E 42 -23.43 -12.46 27.92
CA LYS E 42 -23.54 -11.30 27.11
C LYS E 42 -22.28 -10.71 26.53
N GLN E 43 -21.25 -11.53 26.38
CA GLN E 43 -20.00 -11.16 25.78
C GLN E 43 -20.09 -11.22 24.24
N LEU E 44 -19.79 -10.08 23.59
CA LEU E 44 -19.80 -10.05 22.13
C LEU E 44 -18.41 -10.58 21.71
N GLN E 45 -18.39 -11.37 20.65
CA GLN E 45 -17.18 -11.92 20.08
C GLN E 45 -17.30 -11.84 18.54
N TRP E 46 -16.31 -11.28 17.89
CA TRP E 46 -16.29 -11.20 16.43
C TRP E 46 -16.17 -12.61 15.85
N LEU E 47 -16.82 -12.89 14.74
CA LEU E 47 -16.71 -14.20 14.12
C LEU E 47 -16.21 -14.11 12.69
N PHE E 48 -16.82 -13.24 11.88
CA PHE E 48 -16.40 -13.23 10.48
C PHE E 48 -16.67 -11.86 9.86
N THR E 49 -15.88 -11.55 8.84
CA THR E 49 -16.09 -10.32 8.07
C THR E 49 -15.94 -10.77 6.62
N LEU E 50 -16.96 -10.64 5.81
CA LEU E 50 -16.87 -11.15 4.42
C LEU E 50 -17.40 -10.09 3.49
N ARG E 51 -16.52 -9.42 2.76
CA ARG E 51 -16.91 -8.30 1.93
C ARG E 51 -17.37 -8.64 0.53
N SER E 52 -16.79 -9.70 -0.04
CA SER E 52 -17.09 -10.02 -1.43
C SER E 52 -17.88 -11.25 -1.73
N PRO E 53 -18.93 -11.10 -2.52
CA PRO E 53 -19.78 -12.22 -2.94
C PRO E 53 -18.84 -13.35 -3.36
N GLY E 54 -19.06 -14.54 -2.86
CA GLY E 54 -18.16 -15.66 -3.15
C GLY E 54 -17.34 -16.00 -1.92
N ASP E 55 -17.17 -14.99 -1.05
CA ASP E 55 -16.43 -15.17 0.19
C ASP E 55 -17.21 -16.16 1.07
N LYS E 56 -16.49 -17.15 1.55
CA LYS E 56 -17.08 -18.21 2.38
C LYS E 56 -16.06 -18.65 3.41
N GLU E 57 -16.47 -18.81 4.66
CA GLU E 57 -15.47 -19.23 5.66
C GLU E 57 -16.11 -20.15 6.68
N VAL E 58 -15.30 -21.03 7.23
CA VAL E 58 -15.78 -21.95 8.25
C VAL E 58 -14.96 -21.72 9.53
N LYS E 59 -15.66 -21.62 10.64
CA LYS E 59 -14.99 -21.39 11.93
C LYS E 59 -15.70 -22.20 12.99
N SER E 60 -14.91 -22.86 13.83
CA SER E 60 -15.57 -23.66 14.88
C SER E 60 -15.11 -23.10 16.22
N LEU E 61 -16.06 -22.71 17.05
CA LEU E 61 -15.74 -22.21 18.39
C LEU E 61 -16.20 -23.30 19.35
N PRO E 62 -15.87 -23.12 20.59
CA PRO E 62 -16.36 -24.08 21.62
C PRO E 62 -17.85 -23.74 21.74
N GLY E 63 -18.74 -24.68 21.47
CA GLY E 63 -20.18 -24.40 21.55
C GLY E 63 -20.90 -24.17 20.23
N ALA E 64 -20.19 -24.11 19.10
CA ALA E 64 -20.84 -23.88 17.83
C ALA E 64 -19.93 -24.04 16.63
N ASP E 65 -20.46 -24.60 15.57
CA ASP E 65 -19.70 -24.74 14.33
C ASP E 65 -20.30 -23.72 13.38
N TYR E 66 -19.46 -23.00 12.63
CA TYR E 66 -20.04 -21.97 11.76
C TYR E 66 -19.48 -22.01 10.35
N LEU E 67 -20.37 -21.62 9.47
CA LEU E 67 -20.03 -21.56 8.04
C LEU E 67 -20.73 -20.29 7.52
N ALA E 68 -19.87 -19.34 7.12
CA ALA E 68 -20.45 -18.07 6.65
C ALA E 68 -20.13 -17.90 5.18
N THR E 69 -20.99 -17.20 4.47
CA THR E 69 -20.84 -16.97 3.05
C THR E 69 -21.43 -15.63 2.63
N ARG E 70 -20.63 -14.89 1.87
CA ARG E 70 -21.17 -13.60 1.37
C ARG E 70 -21.85 -14.04 0.06
N VAL E 71 -23.16 -14.05 0.03
CA VAL E 71 -23.79 -14.55 -1.19
C VAL E 71 -23.81 -13.55 -2.31
N THR E 72 -24.32 -12.36 -2.04
CA THR E 72 -24.39 -11.31 -3.02
C THR E 72 -23.89 -10.04 -2.32
N ASP E 73 -23.88 -8.93 -3.04
CA ASP E 73 -23.46 -7.66 -2.50
C ASP E 73 -24.32 -7.21 -1.36
N THR E 74 -25.48 -7.79 -1.17
CA THR E 74 -26.37 -7.38 -0.10
C THR E 74 -26.78 -8.54 0.78
N GLU E 75 -26.21 -9.71 0.51
CA GLU E 75 -26.60 -10.85 1.30
C GLU E 75 -25.50 -11.68 1.95
N LEU E 76 -25.62 -11.71 3.29
CA LEU E 76 -24.72 -12.49 4.12
C LEU E 76 -25.53 -13.61 4.80
N ARG E 77 -24.98 -14.81 4.69
CA ARG E 77 -25.58 -15.99 5.30
C ARG E 77 -24.68 -16.63 6.34
N LEU E 78 -25.30 -17.39 7.22
CA LEU E 78 -24.60 -18.14 8.25
C LEU E 78 -25.29 -19.46 8.57
N GLN E 79 -24.49 -20.51 8.68
CA GLN E 79 -25.05 -21.80 9.08
C GLN E 79 -24.47 -22.14 10.45
N VAL E 80 -25.31 -22.31 11.46
CA VAL E 80 -24.72 -22.65 12.77
C VAL E 80 -25.10 -24.07 13.13
N ALA E 81 -24.13 -24.85 13.61
CA ALA E 81 -24.36 -26.23 13.97
C ALA E 81 -23.60 -26.61 15.24
N ASN E 82 -23.99 -27.75 15.82
CA ASN E 82 -23.36 -28.29 17.00
C ASN E 82 -23.31 -27.27 18.12
N MET E 83 -24.43 -26.55 18.31
CA MET E 83 -24.41 -25.53 19.35
C MET E 83 -25.05 -26.11 20.60
N SER E 84 -24.20 -26.25 21.61
CA SER E 84 -24.61 -26.79 22.89
C SER E 84 -25.18 -25.75 23.83
N GLN E 85 -25.22 -24.48 23.45
CA GLN E 85 -25.74 -23.44 24.34
C GLN E 85 -26.39 -22.32 23.56
N GLY E 86 -27.40 -21.65 24.13
CA GLY E 86 -28.07 -20.57 23.40
C GLY E 86 -27.10 -19.44 23.14
N ARG E 87 -27.40 -18.53 22.22
CA ARG E 87 -26.57 -17.38 21.90
C ARG E 87 -27.26 -16.57 20.80
N THR E 88 -26.99 -15.27 20.74
CA THR E 88 -27.59 -14.51 19.67
C THR E 88 -26.57 -14.05 18.65
N LEU E 89 -26.97 -14.18 17.39
CA LEU E 89 -26.14 -13.78 16.27
C LEU E 89 -26.54 -12.46 15.66
N TYR E 90 -25.55 -11.56 15.60
CA TYR E 90 -25.73 -10.24 15.05
C TYR E 90 -24.91 -10.02 13.77
N CYS E 91 -25.57 -9.24 12.94
CA CYS E 91 -24.98 -8.86 11.65
C CYS E 91 -24.54 -7.40 11.88
N THR E 92 -23.35 -7.07 11.39
CA THR E 92 -22.89 -5.70 11.47
C THR E 92 -22.52 -5.25 10.03
N CYS E 93 -22.51 -3.96 9.81
CA CYS E 93 -22.17 -3.41 8.49
C CYS E 93 -21.26 -2.22 8.74
N SER E 94 -20.35 -1.99 7.81
CA SER E 94 -19.43 -0.84 7.99
C SER E 94 -19.18 -0.25 6.61
N ALA E 95 -18.79 0.99 6.47
CA ALA E 95 -18.54 1.57 5.14
C ALA E 95 -17.17 1.24 4.55
N ASP E 96 -16.21 0.75 5.33
CA ASP E 96 -14.89 0.45 4.80
C ASP E 96 -14.16 -0.49 5.75
N ARG E 97 -13.01 -0.98 5.30
CA ARG E 97 -12.25 -1.94 6.04
C ARG E 97 -11.58 -1.50 7.32
N VAL E 98 -11.03 -0.30 7.38
CA VAL E 98 -10.30 0.19 8.54
C VAL E 98 -10.91 1.44 9.16
N GLY E 99 -11.01 1.51 10.47
CA GLY E 99 -11.53 2.62 11.18
C GLY E 99 -12.88 3.19 10.85
N ASN E 100 -13.91 2.42 10.50
CA ASN E 100 -15.21 3.04 10.26
C ASN E 100 -16.18 2.36 11.23
N THR E 101 -17.17 3.08 11.67
CA THR E 101 -18.11 2.55 12.65
C THR E 101 -18.81 1.30 12.22
N LEU E 102 -19.02 0.38 13.17
CA LEU E 102 -19.76 -0.83 12.79
C LEU E 102 -21.20 -0.62 13.30
N TYR E 103 -22.17 -1.00 12.49
CA TYR E 103 -23.57 -0.86 12.95
C TYR E 103 -24.21 -2.24 13.04
N PHE E 104 -24.92 -2.50 14.11
CA PHE E 104 -25.57 -3.75 14.39
C PHE E 104 -26.99 -3.92 13.89
N GLY E 105 -27.27 -5.13 13.42
CA GLY E 105 -28.61 -5.57 13.01
C GLY E 105 -29.39 -5.88 14.30
N GLU E 106 -30.58 -6.47 14.21
CA GLU E 106 -31.32 -6.74 15.45
C GLU E 106 -30.99 -8.08 16.09
N GLY E 107 -30.32 -8.96 15.37
CA GLY E 107 -29.88 -10.25 15.77
C GLY E 107 -30.93 -11.34 15.63
N SER E 108 -30.46 -12.56 15.62
CA SER E 108 -31.15 -13.81 15.59
C SER E 108 -30.84 -14.60 16.86
N ARG E 109 -31.87 -14.68 17.69
CA ARG E 109 -31.77 -15.36 18.98
C ARG E 109 -31.87 -16.86 18.86
N LEU E 110 -30.78 -17.58 18.97
CA LEU E 110 -30.79 -19.05 18.88
C LEU E 110 -31.04 -19.63 20.26
N ILE E 111 -32.18 -20.28 20.44
CA ILE E 111 -32.56 -20.83 21.73
C ILE E 111 -32.41 -22.34 21.82
N VAL E 112 -31.96 -22.79 22.99
CA VAL E 112 -31.83 -24.20 23.25
C VAL E 112 -32.74 -24.55 24.45
#